data_6IYF
#
_entry.id   6IYF
#
_cell.length_a   49.785
_cell.length_b   65.896
_cell.length_c   100.571
_cell.angle_alpha   90.00
_cell.angle_beta   90.00
_cell.angle_gamma   90.00
#
_symmetry.space_group_name_H-M   'P 21 21 21'
#
loop_
_entity.id
_entity.type
_entity.pdbx_description
1 polymer 'Stimulator of interferon genes protein'
2 non-polymer 'SULFATE ION'
3 non-polymer "(2R,3R,3aS,5R,7aR,9R,10R,10aS,12R,14aR)-2,9-bis(6-amino-9H-purin-9-yl)octahydro-2H,7H-difuro[3,2-d:3',2'-j][1,3,7,9,2,8 ]tetraoxadiphosphacyclododecine-3,5,10,12-tetrol 5,12-dioxide"
4 water water
#
_entity_poly.entity_id   1
_entity_poly.type   'polypeptide(L)'
_entity_poly.pdbx_seq_one_letter_code
;AANFNVAHGLAWSYYIGYLRLILPGLRARIQAYNQRHKNVLGGIGNHRLHILFPLDCGVPDDLSVADPNIRFLHELPQQS
ADRAGIKGRVYTNSIYELLENGQPAGVCVLEYATPLQTLFAMSQDGRAGFSREDRLEQAKLFCRTLEDILADAPEAQNNC
RLIVYQEPTEGGSFSLSQEILRHLRQEEREVTMLEHHHHHH
;
_entity_poly.pdbx_strand_id   A,B
#
loop_
_chem_comp.id
_chem_comp.type
_chem_comp.name
_chem_comp.formula
2BA non-polymer '(2R,3R,3aS,5R,7aR,9R,10R,10aS,12R,14aR)-2,9-bis(6-amino-9H-purin-9-yl)octahydro-2H,7H-difuro[3,2-d:3',2'-j][1,3,7,9,2,8 ]tetraoxadiphosphacyclododecine-3,5,10,12-tetrol 5,12-dioxide' 'C20 H24 N10 O12 P2'
SO4 non-polymer 'SULFATE ION' 'O4 S -2'
#
# COMPACT_ATOMS: atom_id res chain seq x y z
N ALA A 1 21.53 2.19 3.52
CA ALA A 1 20.40 2.96 4.01
C ALA A 1 20.81 4.39 4.35
N ALA A 2 21.32 5.11 3.35
CA ALA A 2 21.77 6.49 3.54
C ALA A 2 21.37 7.42 2.40
N ASN A 3 20.82 6.91 1.31
CA ASN A 3 20.25 7.74 0.26
C ASN A 3 18.76 7.91 0.55
N PHE A 4 18.40 9.09 1.04
CA PHE A 4 17.02 9.38 1.41
C PHE A 4 16.27 10.15 0.32
N ASN A 5 16.70 10.03 -0.94
CA ASN A 5 16.02 10.63 -2.08
C ASN A 5 14.88 9.69 -2.50
N VAL A 6 13.76 9.82 -1.79
CA VAL A 6 12.68 8.86 -1.90
C VAL A 6 11.47 9.41 -2.63
N ALA A 7 11.44 10.72 -2.90
CA ALA A 7 10.19 11.36 -3.34
C ALA A 7 9.74 10.87 -4.71
N HIS A 8 10.67 10.66 -5.63
CA HIS A 8 10.29 10.15 -6.95
C HIS A 8 9.65 8.77 -6.82
N GLY A 9 10.25 7.88 -6.04
CA GLY A 9 9.65 6.58 -5.80
C GLY A 9 8.29 6.68 -5.10
N LEU A 10 8.15 7.60 -4.14
CA LEU A 10 6.88 7.73 -3.43
C LEU A 10 5.78 8.14 -4.40
N ALA A 11 6.11 9.02 -5.36
CA ALA A 11 5.12 9.49 -6.33
C ALA A 11 4.69 8.37 -7.27
N TRP A 12 5.65 7.66 -7.86
CA TRP A 12 5.29 6.60 -8.79
C TRP A 12 4.59 5.46 -8.05
N SER A 13 5.01 5.19 -6.81
CA SER A 13 4.34 4.20 -5.98
C SER A 13 2.89 4.56 -5.73
N TYR A 14 2.64 5.81 -5.34
CA TYR A 14 1.29 6.24 -5.05
C TYR A 14 0.42 6.22 -6.31
N TYR A 15 1.00 6.62 -7.44
CA TYR A 15 0.25 6.62 -8.70
C TYR A 15 -0.12 5.21 -9.15
N ILE A 16 0.88 4.32 -9.26
CA ILE A 16 0.61 2.98 -9.79
C ILE A 16 -0.14 2.13 -8.78
N GLY A 17 0.30 2.15 -7.51
CA GLY A 17 -0.24 1.26 -6.49
C GLY A 17 -1.53 1.71 -5.88
N TYR A 18 -1.98 2.93 -6.17
CA TYR A 18 -3.20 3.40 -5.53
C TYR A 18 -4.09 4.15 -6.51
N LEU A 19 -3.61 5.28 -7.06
CA LEU A 19 -4.47 6.14 -7.88
C LEU A 19 -4.93 5.42 -9.14
N ARG A 20 -4.01 4.76 -9.84
CA ARG A 20 -4.39 4.03 -11.04
C ARG A 20 -5.28 2.83 -10.72
N LEU A 21 -5.19 2.28 -9.50
N LEU A 21 -5.23 2.36 -9.49
CA LEU A 21 -6.04 1.13 -9.15
CA LEU A 21 -5.98 1.16 -9.10
C LEU A 21 -7.41 1.56 -8.64
C LEU A 21 -7.37 1.52 -8.55
N ILE A 22 -7.50 2.68 -7.92
CA ILE A 22 -8.71 3.03 -7.22
C ILE A 22 -9.55 4.10 -7.95
N LEU A 23 -8.90 5.00 -8.68
CA LEU A 23 -9.65 6.10 -9.32
C LEU A 23 -10.59 5.65 -10.44
N PRO A 24 -10.22 4.68 -11.29
CA PRO A 24 -11.16 4.28 -12.36
C PRO A 24 -12.50 3.77 -11.84
N GLY A 25 -12.51 3.01 -10.77
CA GLY A 25 -13.76 2.49 -10.25
C GLY A 25 -14.45 3.35 -9.22
N LEU A 26 -13.88 4.52 -8.88
CA LEU A 26 -14.41 5.32 -7.79
C LEU A 26 -15.80 5.87 -8.12
N ARG A 27 -15.99 6.41 -9.33
CA ARG A 27 -17.27 7.01 -9.67
C ARG A 27 -18.41 6.00 -9.54
N ALA A 28 -18.16 4.76 -9.98
CA ALA A 28 -19.16 3.69 -9.87
C ALA A 28 -19.46 3.34 -8.41
N ARG A 29 -18.46 3.37 -7.54
CA ARG A 29 -18.72 3.11 -6.13
C ARG A 29 -19.57 4.22 -5.50
N ILE A 30 -19.35 5.47 -5.90
CA ILE A 30 -20.15 6.58 -5.37
C ILE A 30 -21.56 6.51 -5.92
N GLN A 31 -21.71 6.15 -7.20
CA GLN A 31 -23.03 5.98 -7.78
C GLN A 31 -23.79 4.84 -7.09
N ALA A 32 -23.08 3.74 -6.79
CA ALA A 32 -23.70 2.64 -6.05
C ALA A 32 -24.10 3.06 -4.64
N TYR A 33 -23.26 3.83 -3.97
CA TYR A 33 -23.64 4.37 -2.66
C TYR A 33 -24.87 5.24 -2.77
N ASN A 34 -24.89 6.15 -3.74
CA ASN A 34 -26.05 7.02 -3.93
C ASN A 34 -27.31 6.20 -4.22
N GLN A 35 -27.18 5.14 -5.01
CA GLN A 35 -28.33 4.32 -5.33
C GLN A 35 -28.89 3.64 -4.09
N ARG A 36 -28.03 3.15 -3.20
CA ARG A 36 -28.51 2.47 -2.01
C ARG A 36 -29.03 3.42 -0.95
N HIS A 37 -28.62 4.69 -0.96
CA HIS A 37 -28.93 5.59 0.15
C HIS A 37 -29.66 6.86 -0.24
N LYS A 38 -29.94 7.10 -1.53
CA LYS A 38 -30.34 8.44 -1.98
C LYS A 38 -31.60 8.92 -1.28
N ASN A 39 -32.64 8.09 -1.23
CA ASN A 39 -33.90 8.55 -0.68
C ASN A 39 -33.89 8.70 0.83
N VAL A 40 -32.78 8.36 1.50
CA VAL A 40 -32.67 8.49 2.95
C VAL A 40 -31.53 9.43 3.31
N LEU A 41 -30.32 9.12 2.86
CA LEU A 41 -29.12 9.86 3.25
C LEU A 41 -28.82 11.07 2.38
N GLY A 42 -29.38 11.15 1.18
CA GLY A 42 -29.03 12.27 0.32
C GLY A 42 -27.81 11.98 -0.51
N GLY A 43 -27.79 12.55 -1.72
CA GLY A 43 -26.81 12.19 -2.71
C GLY A 43 -25.50 12.94 -2.59
N ILE A 44 -24.44 12.30 -3.06
CA ILE A 44 -23.12 12.91 -3.19
C ILE A 44 -22.94 13.24 -4.67
N GLY A 45 -22.88 14.52 -4.98
CA GLY A 45 -22.73 14.96 -6.36
C GLY A 45 -21.30 15.01 -6.83
N ASN A 46 -20.36 15.39 -5.97
CA ASN A 46 -18.95 15.44 -6.35
C ASN A 46 -18.40 14.02 -6.33
N HIS A 47 -17.90 13.55 -7.47
CA HIS A 47 -17.45 12.16 -7.60
C HIS A 47 -15.92 12.03 -7.59
N ARG A 48 -15.19 13.07 -7.20
CA ARG A 48 -13.73 13.00 -7.21
C ARG A 48 -13.16 12.70 -5.83
N LEU A 49 -12.04 11.95 -5.81
CA LEU A 49 -11.30 11.73 -4.58
C LEU A 49 -10.55 13.00 -4.19
N HIS A 50 -10.77 13.51 -2.98
CA HIS A 50 -10.06 14.69 -2.49
C HIS A 50 -8.92 14.25 -1.58
N ILE A 51 -7.70 14.58 -1.98
CA ILE A 51 -6.48 14.07 -1.35
C ILE A 51 -5.74 15.22 -0.67
N LEU A 52 -5.62 15.12 0.66
CA LEU A 52 -5.00 16.15 1.47
C LEU A 52 -3.50 15.92 1.52
N PHE A 53 -2.74 16.98 1.24
CA PHE A 53 -1.27 16.94 1.19
C PHE A 53 -0.71 17.98 2.16
N PRO A 54 -0.77 17.72 3.45
CA PRO A 54 -0.11 18.64 4.40
C PRO A 54 1.39 18.61 4.18
N LEU A 55 1.98 19.73 3.75
CA LEU A 55 3.41 19.70 3.43
C LEU A 55 4.27 19.43 4.67
N ASP A 56 3.74 19.58 5.89
CA ASP A 56 4.50 19.26 7.09
C ASP A 56 4.48 17.78 7.43
N CYS A 57 3.78 16.97 6.62
CA CYS A 57 3.69 15.51 6.75
C CYS A 57 3.00 15.08 8.05
N GLY A 58 2.22 15.97 8.65
CA GLY A 58 1.37 15.62 9.78
C GLY A 58 0.08 14.97 9.31
N VAL A 59 -0.01 13.66 9.47
CA VAL A 59 -1.19 12.92 9.04
C VAL A 59 -1.82 12.29 10.29
N PRO A 60 -2.90 12.88 10.80
CA PRO A 60 -3.62 12.24 11.91
C PRO A 60 -4.19 10.90 11.43
N ASP A 61 -4.16 9.90 12.31
CA ASP A 61 -4.66 8.61 11.87
C ASP A 61 -6.18 8.55 11.91
N ASP A 62 -6.84 9.51 12.56
CA ASP A 62 -8.28 9.69 12.45
C ASP A 62 -8.56 11.13 12.04
N LEU A 63 -8.90 11.34 10.77
CA LEU A 63 -9.22 12.67 10.29
C LEU A 63 -10.48 13.22 10.96
N SER A 64 -11.49 12.37 11.16
CA SER A 64 -12.78 12.81 11.68
C SER A 64 -12.65 13.33 13.11
N VAL A 65 -12.06 12.51 14.00
CA VAL A 65 -11.87 12.96 15.37
C VAL A 65 -10.95 14.17 15.42
N ALA A 66 -10.00 14.25 14.49
CA ALA A 66 -9.00 15.32 14.53
C ALA A 66 -9.64 16.70 14.38
N ASP A 67 -10.70 16.82 13.57
CA ASP A 67 -11.28 18.12 13.35
C ASP A 67 -12.75 18.11 13.76
N PRO A 68 -13.18 19.07 14.59
CA PRO A 68 -14.61 19.16 14.93
C PRO A 68 -15.47 19.58 13.76
N ASN A 69 -14.88 20.23 12.74
CA ASN A 69 -15.62 20.70 11.59
C ASN A 69 -15.60 19.71 10.43
N ILE A 70 -15.02 18.54 10.62
CA ILE A 70 -14.96 17.49 9.61
C ILE A 70 -15.51 16.23 10.26
N ARG A 71 -16.64 15.75 9.75
CA ARG A 71 -17.37 14.65 10.36
C ARG A 71 -17.49 13.49 9.38
N PHE A 72 -17.13 12.28 9.83
CA PHE A 72 -17.36 11.08 9.04
C PHE A 72 -18.85 10.90 8.74
N LEU A 73 -19.17 10.62 7.48
CA LEU A 73 -20.55 10.37 7.10
C LEU A 73 -20.81 8.90 6.78
N HIS A 74 -20.03 8.29 5.89
CA HIS A 74 -20.31 6.93 5.44
C HIS A 74 -19.15 6.43 4.61
N GLU A 75 -18.81 5.15 4.79
CA GLU A 75 -17.87 4.52 3.88
C GLU A 75 -18.54 4.24 2.54
N LEU A 76 -17.75 4.27 1.48
CA LEU A 76 -18.18 3.75 0.19
C LEU A 76 -18.21 2.23 0.23
N PRO A 77 -18.91 1.60 -0.72
CA PRO A 77 -18.72 0.16 -0.94
C PRO A 77 -17.23 -0.16 -1.04
N GLN A 78 -16.80 -1.17 -0.28
CA GLN A 78 -15.41 -1.58 -0.30
C GLN A 78 -15.00 -2.06 -1.69
N GLN A 79 -13.71 -1.90 -1.99
CA GLN A 79 -13.09 -2.48 -3.18
C GLN A 79 -12.15 -3.59 -2.75
N SER A 80 -12.47 -4.83 -3.12
CA SER A 80 -11.67 -5.97 -2.69
C SER A 80 -11.12 -6.69 -3.92
N ALA A 81 -9.87 -7.14 -3.83
CA ALA A 81 -9.25 -7.75 -5.00
C ALA A 81 -8.01 -8.52 -4.56
N ASP A 82 -7.70 -9.57 -5.30
CA ASP A 82 -6.42 -10.26 -5.11
C ASP A 82 -5.31 -9.35 -5.59
N ARG A 83 -4.30 -9.14 -4.74
CA ARG A 83 -3.25 -8.17 -5.04
C ARG A 83 -1.90 -8.80 -4.71
N ALA A 84 -1.15 -9.18 -5.75
CA ALA A 84 0.23 -9.63 -5.61
C ALA A 84 0.33 -10.78 -4.59
N GLY A 85 -0.63 -11.69 -4.66
CA GLY A 85 -0.65 -12.85 -3.79
C GLY A 85 -1.42 -12.71 -2.51
N ILE A 86 -1.81 -11.49 -2.12
CA ILE A 86 -2.71 -11.32 -0.99
C ILE A 86 -4.14 -11.42 -1.54
N LYS A 87 -4.85 -12.48 -1.16
CA LYS A 87 -6.21 -12.66 -1.64
C LYS A 87 -7.14 -11.69 -0.94
N GLY A 88 -8.00 -11.03 -1.71
CA GLY A 88 -8.99 -10.14 -1.08
C GLY A 88 -8.39 -8.99 -0.32
N ARG A 89 -7.34 -8.38 -0.83
CA ARG A 89 -6.88 -7.12 -0.25
C ARG A 89 -7.96 -6.06 -0.42
N VAL A 90 -8.14 -5.24 0.60
CA VAL A 90 -9.26 -4.30 0.69
C VAL A 90 -8.77 -2.86 0.59
N TYR A 91 -9.52 -2.06 -0.18
CA TYR A 91 -9.32 -0.62 -0.29
C TYR A 91 -10.63 0.06 0.10
N THR A 92 -10.61 0.84 1.15
CA THR A 92 -11.80 1.53 1.63
C THR A 92 -11.63 3.03 1.44
N ASN A 93 -12.71 3.71 1.11
CA ASN A 93 -12.71 5.16 0.99
C ASN A 93 -13.94 5.68 1.72
N SER A 94 -13.86 6.93 2.19
CA SER A 94 -14.83 7.44 3.16
C SER A 94 -15.36 8.81 2.73
N ILE A 95 -16.66 9.01 2.94
CA ILE A 95 -17.33 10.30 2.74
C ILE A 95 -17.31 11.06 4.05
N TYR A 96 -16.96 12.35 3.97
CA TYR A 96 -16.96 13.26 5.11
C TYR A 96 -17.85 14.46 4.82
N GLU A 97 -18.46 14.97 5.87
CA GLU A 97 -19.18 16.23 5.82
C GLU A 97 -18.31 17.33 6.43
N LEU A 98 -18.33 18.49 5.80
CA LEU A 98 -17.55 19.63 6.27
C LEU A 98 -18.54 20.65 6.82
N LEU A 99 -18.24 21.19 8.00
CA LEU A 99 -19.09 22.17 8.67
C LEU A 99 -18.49 23.55 8.56
N GLU A 100 -19.37 24.54 8.52
CA GLU A 100 -18.97 25.94 8.50
C GLU A 100 -20.01 26.73 9.27
N ASN A 101 -19.55 27.67 10.10
CA ASN A 101 -20.42 28.45 10.98
C ASN A 101 -21.33 27.55 11.82
N GLY A 102 -20.94 26.29 12.00
CA GLY A 102 -21.68 25.31 12.75
C GLY A 102 -22.52 24.38 11.90
N GLN A 103 -22.87 24.78 10.66
CA GLN A 103 -23.82 24.06 9.83
C GLN A 103 -23.11 23.26 8.76
N PRO A 104 -23.70 22.13 8.35
CA PRO A 104 -23.17 21.38 7.21
C PRO A 104 -23.02 22.30 6.01
N ALA A 105 -21.88 22.17 5.32
CA ALA A 105 -21.60 23.01 4.17
C ALA A 105 -21.02 22.25 2.98
N GLY A 106 -20.52 21.04 3.17
CA GLY A 106 -19.97 20.29 2.06
C GLY A 106 -19.90 18.82 2.40
N VAL A 107 -19.90 18.00 1.35
CA VAL A 107 -19.79 16.54 1.49
C VAL A 107 -18.89 16.04 0.37
N CYS A 108 -17.89 15.23 0.69
CA CYS A 108 -17.04 14.70 -0.37
C CYS A 108 -16.26 13.48 0.12
N VAL A 109 -15.70 12.75 -0.84
CA VAL A 109 -14.78 11.66 -0.53
C VAL A 109 -13.40 12.25 -0.30
N LEU A 110 -12.80 11.93 0.84
CA LEU A 110 -11.69 12.68 1.40
C LEU A 110 -10.71 11.73 2.08
N GLU A 111 -9.42 12.02 1.96
CA GLU A 111 -8.40 11.32 2.73
C GLU A 111 -7.07 12.04 2.58
N TYR A 112 -6.08 11.56 3.34
CA TYR A 112 -4.72 12.06 3.27
C TYR A 112 -3.90 11.27 2.26
N ALA A 113 -2.87 11.92 1.73
CA ALA A 113 -1.83 11.29 0.92
C ALA A 113 -0.93 10.46 1.83
N THR A 114 -1.21 9.16 1.91
CA THR A 114 -0.49 8.31 2.85
C THR A 114 1.05 8.30 2.69
N PRO A 115 1.66 8.52 1.52
CA PRO A 115 3.13 8.55 1.48
C PRO A 115 3.76 9.59 2.37
N LEU A 116 3.02 10.64 2.74
CA LEU A 116 3.57 11.64 3.65
C LEU A 116 3.89 11.03 5.01
N GLN A 117 3.14 10.00 5.41
CA GLN A 117 3.44 9.29 6.64
C GLN A 117 4.82 8.64 6.61
N THR A 118 5.19 8.08 5.45
CA THR A 118 6.54 7.54 5.29
C THR A 118 7.60 8.60 5.54
N LEU A 119 7.44 9.77 4.91
CA LEU A 119 8.40 10.84 5.12
C LEU A 119 8.49 11.24 6.59
N PHE A 120 7.34 11.33 7.26
CA PHE A 120 7.37 11.70 8.68
C PHE A 120 8.11 10.64 9.50
N ALA A 121 7.77 9.37 9.30
CA ALA A 121 8.43 8.30 10.02
C ALA A 121 9.94 8.30 9.76
N MET A 122 10.34 8.59 8.52
CA MET A 122 11.77 8.69 8.23
C MET A 122 12.44 9.75 9.09
N SER A 123 11.79 10.90 9.30
CA SER A 123 12.46 11.95 10.04
C SER A 123 12.54 11.67 11.54
N GLN A 124 11.91 10.60 12.02
CA GLN A 124 11.95 10.31 13.46
C GLN A 124 12.64 8.98 13.80
N ASP A 125 13.33 8.34 12.84
CA ASP A 125 13.90 7.02 13.10
C ASP A 125 15.35 7.05 13.58
N GLY A 126 15.87 8.23 13.90
CA GLY A 126 17.19 8.36 14.52
C GLY A 126 18.37 8.27 13.58
N ARG A 127 18.11 8.13 12.28
CA ARG A 127 19.21 8.06 11.31
C ARG A 127 19.72 9.47 11.06
N ALA A 128 21.02 9.58 10.81
CA ALA A 128 21.65 10.88 10.50
C ALA A 128 21.33 11.24 9.06
N GLY A 129 21.28 12.50 8.70
CA GLY A 129 21.10 12.84 7.28
C GLY A 129 19.66 13.03 6.83
N PHE A 130 18.74 13.18 7.76
CA PHE A 130 17.34 13.40 7.36
C PHE A 130 16.61 14.12 8.49
N SER A 131 16.58 15.43 8.39
CA SER A 131 15.91 16.23 9.40
C SER A 131 14.61 16.76 8.83
N ARG A 132 13.87 17.48 9.69
CA ARG A 132 12.62 18.13 9.27
C ARG A 132 12.80 18.91 7.98
N GLU A 133 13.95 19.57 7.83
CA GLU A 133 14.19 20.37 6.62
C GLU A 133 14.30 19.48 5.38
N ASP A 134 14.98 18.35 5.50
CA ASP A 134 15.02 17.40 4.40
C ASP A 134 13.64 16.83 4.12
N ARG A 135 12.86 16.57 5.18
CA ARG A 135 11.53 16.01 5.00
C ARG A 135 10.62 16.97 4.23
N LEU A 136 10.77 18.28 4.45
CA LEU A 136 9.92 19.22 3.75
C LEU A 136 10.23 19.25 2.26
N GLU A 137 11.51 19.22 1.87
CA GLU A 137 11.83 19.27 0.45
C GLU A 137 11.43 17.96 -0.24
N GLN A 138 11.53 16.83 0.45
CA GLN A 138 11.03 15.59 -0.13
C GLN A 138 9.51 15.64 -0.28
N ALA A 139 8.80 16.26 0.68
CA ALA A 139 7.34 16.36 0.55
C ALA A 139 6.97 17.23 -0.63
N LYS A 140 7.63 18.39 -0.77
CA LYS A 140 7.36 19.23 -1.93
C LYS A 140 7.68 18.50 -3.22
N LEU A 141 8.82 17.79 -3.28
CA LEU A 141 9.21 17.09 -4.50
C LEU A 141 8.22 15.96 -4.81
N PHE A 142 7.80 15.22 -3.78
CA PHE A 142 6.75 14.23 -3.95
C PHE A 142 5.50 14.86 -4.55
N CYS A 143 5.00 15.96 -3.96
CA CYS A 143 3.83 16.62 -4.51
CA CYS A 143 3.74 16.58 -4.48
C CYS A 143 4.08 17.06 -5.96
N ARG A 144 5.21 17.68 -6.22
CA ARG A 144 5.54 18.15 -7.57
C ARG A 144 5.60 16.99 -8.57
N THR A 145 6.26 15.90 -8.19
CA THR A 145 6.36 14.76 -9.11
C THR A 145 4.99 14.13 -9.37
N LEU A 146 4.17 13.99 -8.32
CA LEU A 146 2.85 13.41 -8.52
C LEU A 146 2.02 14.29 -9.44
N GLU A 147 2.09 15.61 -9.29
CA GLU A 147 1.31 16.48 -10.16
C GLU A 147 1.83 16.44 -11.59
N ASP A 148 3.15 16.34 -11.76
CA ASP A 148 3.71 16.14 -13.09
C ASP A 148 3.18 14.84 -13.72
N ILE A 149 3.05 13.77 -12.92
CA ILE A 149 2.53 12.51 -13.44
C ILE A 149 1.06 12.67 -13.86
N LEU A 150 0.26 13.31 -13.01
CA LEU A 150 -1.16 13.49 -13.32
C LEU A 150 -1.41 14.49 -14.44
N ALA A 151 -0.45 15.36 -14.73
CA ALA A 151 -0.58 16.24 -15.90
C ALA A 151 -0.63 15.43 -17.19
N ASP A 152 -0.01 14.25 -17.20
CA ASP A 152 -0.06 13.35 -18.33
C ASP A 152 -0.98 12.16 -18.09
N ALA A 153 -1.88 12.27 -17.12
CA ALA A 153 -2.94 11.28 -16.89
C ALA A 153 -4.24 12.03 -16.73
N PRO A 154 -4.88 12.41 -17.84
CA PRO A 154 -6.07 13.29 -17.75
C PRO A 154 -7.28 12.62 -17.13
N GLU A 155 -7.44 11.31 -17.33
CA GLU A 155 -8.54 10.60 -16.67
C GLU A 155 -8.35 10.59 -15.16
N ALA A 156 -7.13 10.24 -14.72
CA ALA A 156 -6.84 10.30 -13.29
C ALA A 156 -7.02 11.71 -12.74
N GLN A 157 -6.59 12.73 -13.50
CA GLN A 157 -6.72 14.09 -12.99
C GLN A 157 -8.18 14.51 -12.86
N ASN A 158 -9.06 14.00 -13.74
CA ASN A 158 -10.48 14.30 -13.64
C ASN A 158 -11.20 13.48 -12.57
N ASN A 159 -10.55 12.51 -11.95
CA ASN A 159 -11.14 11.73 -10.88
C ASN A 159 -10.60 12.07 -9.50
N CYS A 160 -9.65 13.00 -9.39
CA CYS A 160 -9.16 13.38 -8.07
C CYS A 160 -8.80 14.86 -8.08
N ARG A 161 -8.68 15.40 -6.86
CA ARG A 161 -8.26 16.79 -6.63
C ARG A 161 -7.22 16.77 -5.52
N LEU A 162 -6.07 17.38 -5.79
CA LEU A 162 -4.98 17.44 -4.82
C LEU A 162 -5.09 18.74 -4.04
N ILE A 163 -5.17 18.63 -2.72
CA ILE A 163 -5.35 19.78 -1.84
C ILE A 163 -4.06 19.90 -1.03
N VAL A 164 -3.17 20.78 -1.49
CA VAL A 164 -1.83 20.92 -0.96
C VAL A 164 -1.78 22.19 -0.13
N TYR A 165 -1.22 22.11 1.07
CA TYR A 165 -1.24 23.26 1.93
C TYR A 165 -0.10 23.21 2.92
N GLN A 166 0.42 24.38 3.24
CA GLN A 166 1.20 24.54 4.44
C GLN A 166 0.24 24.63 5.63
N GLU A 167 0.76 24.40 6.84
CA GLU A 167 -0.03 24.59 8.05
C GLU A 167 0.77 25.40 9.06
N PRO A 168 0.25 26.55 9.55
CA PRO A 168 0.93 27.37 10.56
C PRO A 168 0.92 26.73 11.94
N GLY A 171 -2.73 27.79 14.38
CA GLY A 171 -3.79 26.79 14.47
C GLY A 171 -5.14 27.31 14.01
N GLY A 172 -5.60 28.39 14.64
CA GLY A 172 -6.82 29.05 14.25
C GLY A 172 -6.67 30.04 13.12
N SER A 173 -5.45 30.24 12.64
CA SER A 173 -5.21 31.00 11.42
C SER A 173 -5.30 30.14 10.18
N PHE A 174 -5.69 28.88 10.31
CA PHE A 174 -5.92 27.99 9.18
C PHE A 174 -6.94 26.94 9.58
N SER A 175 -8.04 26.86 8.84
CA SER A 175 -9.05 25.82 9.04
C SER A 175 -8.96 24.84 7.87
N LEU A 176 -8.71 23.57 8.16
CA LEU A 176 -8.68 22.57 7.11
C LEU A 176 -10.03 22.46 6.41
N SER A 177 -11.12 22.49 7.18
CA SER A 177 -12.46 22.43 6.58
C SER A 177 -12.68 23.58 5.62
N GLN A 178 -12.27 24.79 6.00
CA GLN A 178 -12.34 25.94 5.10
C GLN A 178 -11.52 25.70 3.84
N GLU A 179 -10.29 25.19 4.00
CA GLU A 179 -9.42 24.89 2.87
C GLU A 179 -10.09 23.92 1.91
N ILE A 180 -10.73 22.88 2.43
CA ILE A 180 -11.40 21.91 1.58
C ILE A 180 -12.63 22.53 0.92
N LEU A 181 -13.44 23.27 1.68
CA LEU A 181 -14.63 23.90 1.13
C LEU A 181 -14.29 24.82 -0.04
N ARG A 182 -13.20 25.59 0.07
CA ARG A 182 -12.85 26.46 -1.05
C ARG A 182 -12.57 25.65 -2.30
N HIS A 183 -11.91 24.50 -2.15
CA HIS A 183 -11.65 23.64 -3.30
C HIS A 183 -12.95 23.09 -3.89
N LEU A 184 -13.83 22.52 -3.04
CA LEU A 184 -15.14 22.06 -3.51
C LEU A 184 -15.86 23.15 -4.30
N ARG A 185 -15.91 24.35 -3.73
CA ARG A 185 -16.62 25.44 -4.40
C ARG A 185 -15.96 25.81 -5.72
N GLN A 186 -14.63 25.66 -5.80
CA GLN A 186 -13.91 25.92 -7.05
C GLN A 186 -14.31 24.93 -8.14
N GLU A 187 -14.44 23.64 -7.80
CA GLU A 187 -14.79 22.64 -8.80
C GLU A 187 -16.21 22.82 -9.33
N GLU A 188 -17.15 23.18 -8.45
CA GLU A 188 -18.53 23.42 -8.89
C GLU A 188 -18.55 24.44 -10.02
N ARG A 189 -17.65 25.42 -9.96
CA ARG A 189 -17.47 26.42 -10.99
C ARG A 189 -17.18 25.78 -12.35
N ALA B 2 16.08 13.40 -11.03
CA ALA B 2 15.82 11.98 -11.18
C ALA B 2 14.39 11.74 -11.61
N ASN B 3 14.18 11.11 -12.77
CA ASN B 3 12.81 10.82 -13.14
C ASN B 3 12.43 9.37 -12.88
N PHE B 4 13.38 8.44 -12.94
CA PHE B 4 13.03 7.04 -12.74
C PHE B 4 13.91 6.35 -11.70
N ASN B 5 14.69 7.10 -10.92
CA ASN B 5 15.35 6.54 -9.74
C ASN B 5 14.30 6.40 -8.63
N VAL B 6 13.49 5.35 -8.73
CA VAL B 6 12.38 5.17 -7.80
C VAL B 6 12.71 4.18 -6.69
N ALA B 7 13.82 3.45 -6.81
CA ALA B 7 14.05 2.28 -5.97
C ALA B 7 14.18 2.65 -4.50
N HIS B 8 14.81 3.79 -4.20
CA HIS B 8 14.99 4.14 -2.80
C HIS B 8 13.64 4.43 -2.16
N GLY B 9 12.75 5.08 -2.90
CA GLY B 9 11.42 5.35 -2.39
C GLY B 9 10.60 4.08 -2.22
N LEU B 10 10.73 3.15 -3.17
CA LEU B 10 10.02 1.87 -3.03
C LEU B 10 10.50 1.10 -1.80
N ALA B 11 11.81 1.05 -1.59
CA ALA B 11 12.32 0.26 -0.47
C ALA B 11 11.92 0.88 0.87
N TRP B 12 12.10 2.21 1.02
CA TRP B 12 11.77 2.84 2.29
C TRP B 12 10.26 2.79 2.57
N SER B 13 9.43 2.93 1.56
CA SER B 13 7.99 2.90 1.83
C SER B 13 7.54 1.47 2.10
N TYR B 14 8.10 0.49 1.39
CA TYR B 14 7.75 -0.89 1.68
C TYR B 14 8.12 -1.27 3.11
N TYR B 15 9.27 -0.79 3.60
CA TYR B 15 9.64 -1.07 4.99
C TYR B 15 8.81 -0.24 5.97
N ILE B 16 8.89 1.09 5.87
CA ILE B 16 8.27 1.96 6.87
C ILE B 16 6.74 1.86 6.83
N GLY B 17 6.17 1.79 5.63
CA GLY B 17 4.73 1.76 5.51
C GLY B 17 4.10 0.38 5.53
N TYR B 18 4.89 -0.68 5.71
CA TYR B 18 4.31 -2.02 5.70
C TYR B 18 5.05 -2.95 6.65
N LEU B 19 6.29 -3.35 6.32
CA LEU B 19 6.97 -4.36 7.13
C LEU B 19 7.08 -3.92 8.59
N ARG B 20 7.52 -2.68 8.81
CA ARG B 20 7.67 -2.16 10.17
C ARG B 20 6.38 -2.28 10.97
N LEU B 21 5.23 -2.12 10.29
CA LEU B 21 3.89 -2.10 10.89
C LEU B 21 3.28 -3.48 11.06
N ILE B 22 3.38 -4.34 10.04
CA ILE B 22 2.72 -5.64 10.11
C ILE B 22 3.56 -6.71 10.81
N LEU B 23 4.90 -6.70 10.70
CA LEU B 23 5.65 -7.81 11.24
C LEU B 23 5.53 -7.97 12.76
N PRO B 24 5.47 -6.91 13.59
CA PRO B 24 5.42 -7.14 15.03
C PRO B 24 4.20 -7.91 15.49
N GLY B 25 3.06 -7.75 14.84
CA GLY B 25 1.88 -8.51 15.23
C GLY B 25 1.69 -9.85 14.55
N LEU B 26 2.62 -10.23 13.67
CA LEU B 26 2.39 -11.40 12.83
C LEU B 26 2.33 -12.67 13.66
N ARG B 27 3.32 -12.89 14.54
CA ARG B 27 3.33 -14.11 15.32
C ARG B 27 2.05 -14.25 16.15
N ALA B 28 1.54 -13.16 16.71
CA ALA B 28 0.34 -13.28 17.51
C ALA B 28 -0.88 -13.60 16.65
N ARG B 29 -0.91 -13.09 15.41
CA ARG B 29 -1.98 -13.50 14.51
C ARG B 29 -1.87 -14.97 14.16
N ILE B 30 -0.65 -15.48 13.97
CA ILE B 30 -0.49 -16.88 13.63
C ILE B 30 -0.84 -17.77 14.82
N GLN B 31 -0.52 -17.32 16.04
CA GLN B 31 -0.88 -18.09 17.23
C GLN B 31 -2.39 -18.17 17.39
N ALA B 32 -3.09 -17.08 17.09
CA ALA B 32 -4.55 -17.06 17.13
C ALA B 32 -5.14 -17.99 16.07
N TYR B 33 -4.59 -17.95 14.87
CA TYR B 33 -5.00 -18.87 13.82
C TYR B 33 -4.79 -20.32 14.24
N ASN B 34 -3.62 -20.64 14.81
CA ASN B 34 -3.35 -22.03 15.16
C ASN B 34 -4.29 -22.49 16.27
N GLN B 35 -4.58 -21.61 17.22
CA GLN B 35 -5.56 -21.92 18.26
C GLN B 35 -6.93 -22.21 17.64
N ARG B 36 -7.32 -21.44 16.62
CA ARG B 36 -8.62 -21.61 15.99
C ARG B 36 -8.70 -22.86 15.12
N HIS B 37 -7.59 -23.23 14.47
CA HIS B 37 -7.69 -24.18 13.36
C HIS B 37 -6.95 -25.50 13.55
N LYS B 38 -6.02 -25.61 14.50
CA LYS B 38 -5.07 -26.72 14.44
C LYS B 38 -5.76 -28.07 14.64
N ASN B 39 -6.86 -28.09 15.39
CA ASN B 39 -7.52 -29.38 15.60
C ASN B 39 -8.39 -29.80 14.43
N VAL B 40 -8.57 -28.94 13.42
CA VAL B 40 -9.34 -29.28 12.23
C VAL B 40 -8.49 -29.05 10.99
N LEU B 41 -8.37 -27.79 10.57
CA LEU B 41 -7.64 -27.47 9.36
C LEU B 41 -6.15 -27.77 9.49
N GLY B 42 -5.62 -27.69 10.71
CA GLY B 42 -4.20 -27.82 10.92
C GLY B 42 -3.54 -26.45 11.11
N GLY B 43 -2.32 -26.48 11.65
CA GLY B 43 -1.62 -25.29 12.06
C GLY B 43 -0.42 -24.95 11.19
N ILE B 44 0.04 -23.71 11.35
CA ILE B 44 1.20 -23.18 10.64
C ILE B 44 2.38 -23.20 11.59
N GLY B 45 3.45 -23.89 11.21
CA GLY B 45 4.62 -23.94 12.06
C GLY B 45 5.54 -22.76 11.85
N ASN B 46 5.74 -22.41 10.60
CA ASN B 46 6.63 -21.25 10.26
C ASN B 46 5.97 -19.84 10.39
N HIS B 47 6.52 -19.05 11.32
CA HIS B 47 5.84 -17.82 11.68
C HIS B 47 6.32 -16.59 10.91
N ARG B 48 7.11 -16.77 9.85
CA ARG B 48 7.67 -15.65 9.12
C ARG B 48 6.83 -15.34 7.87
N LEU B 49 6.82 -14.06 7.51
CA LEU B 49 6.25 -13.64 6.24
C LEU B 49 7.24 -13.92 5.11
N HIS B 50 6.84 -14.69 4.10
CA HIS B 50 7.73 -15.02 2.99
C HIS B 50 7.39 -14.09 1.83
N ILE B 51 8.36 -13.31 1.38
CA ILE B 51 8.14 -12.24 0.42
C ILE B 51 8.85 -12.62 -0.87
N LEU B 52 8.06 -12.86 -1.92
CA LEU B 52 8.61 -13.23 -3.22
C LEU B 52 9.11 -11.98 -3.94
N PHE B 53 10.32 -12.05 -4.47
CA PHE B 53 10.98 -10.89 -5.07
C PHE B 53 11.50 -11.24 -6.46
N PRO B 54 10.60 -11.37 -7.45
CA PRO B 54 11.05 -11.66 -8.82
C PRO B 54 11.72 -10.45 -9.43
N LEU B 55 13.01 -10.58 -9.71
CA LEU B 55 13.77 -9.44 -10.24
C LEU B 55 13.24 -9.01 -11.60
N ASP B 56 12.57 -9.90 -12.34
CA ASP B 56 11.99 -9.50 -13.62
C ASP B 56 10.64 -8.82 -13.44
N CYS B 57 10.18 -8.61 -12.20
CA CYS B 57 8.96 -7.86 -11.89
C CYS B 57 7.71 -8.47 -12.52
N GLY B 58 7.72 -9.78 -12.74
CA GLY B 58 6.50 -10.46 -13.12
C GLY B 58 5.71 -10.84 -11.89
N VAL B 59 4.65 -10.09 -11.58
CA VAL B 59 3.95 -10.26 -10.31
C VAL B 59 2.48 -10.56 -10.59
N PRO B 60 2.09 -11.81 -10.84
CA PRO B 60 0.66 -12.12 -10.92
C PRO B 60 -0.01 -11.90 -9.58
N ASP B 61 -1.29 -11.56 -9.63
CA ASP B 61 -2.03 -11.36 -8.39
C ASP B 61 -2.44 -12.67 -7.75
N ASP B 62 -2.50 -13.74 -8.52
CA ASP B 62 -2.89 -15.07 -8.06
C ASP B 62 -1.64 -15.93 -8.11
N LEU B 63 -1.14 -16.36 -6.94
CA LEU B 63 0.10 -17.12 -6.92
C LEU B 63 -0.02 -18.42 -7.70
N SER B 64 -1.23 -18.99 -7.78
CA SER B 64 -1.37 -20.24 -8.54
CA SER B 64 -1.45 -20.29 -8.51
C SER B 64 -1.19 -20.01 -10.05
N VAL B 65 -1.33 -18.77 -10.49
CA VAL B 65 -0.99 -18.42 -11.88
C VAL B 65 0.53 -18.49 -12.09
N ALA B 66 1.30 -18.10 -11.07
CA ALA B 66 2.75 -18.24 -11.16
C ALA B 66 3.15 -19.72 -11.21
N ASP B 67 2.51 -20.55 -10.40
CA ASP B 67 2.85 -21.97 -10.29
C ASP B 67 1.63 -22.71 -9.77
N PRO B 68 1.08 -23.66 -10.53
CA PRO B 68 -0.13 -24.36 -10.06
C PRO B 68 0.10 -25.20 -8.82
N ASN B 69 1.35 -25.46 -8.46
CA ASN B 69 1.67 -26.18 -7.24
C ASN B 69 1.65 -25.28 -6.01
N ILE B 70 1.28 -24.01 -6.17
CA ILE B 70 1.07 -23.08 -5.06
C ILE B 70 -0.44 -22.93 -4.91
N ARG B 71 -0.95 -23.55 -3.87
CA ARG B 71 -2.44 -23.50 -3.61
CA ARG B 71 -2.42 -23.44 -3.62
C ARG B 71 -2.87 -22.69 -2.31
N PHE B 72 -3.79 -21.78 -2.57
CA PHE B 72 -4.29 -20.98 -1.47
C PHE B 72 -4.88 -21.88 -0.39
N LEU B 73 -4.42 -21.72 0.85
CA LEU B 73 -4.92 -22.50 1.97
C LEU B 73 -6.00 -21.75 2.74
N HIS B 74 -5.66 -20.60 3.32
CA HIS B 74 -6.61 -19.93 4.19
C HIS B 74 -6.14 -18.50 4.38
N GLU B 75 -7.08 -17.60 4.62
CA GLU B 75 -6.72 -16.24 5.00
C GLU B 75 -6.12 -16.24 6.41
N LEU B 76 -5.11 -15.39 6.61
CA LEU B 76 -4.62 -15.05 7.94
C LEU B 76 -5.30 -13.74 8.29
N PRO B 77 -6.38 -13.77 9.06
CA PRO B 77 -7.19 -12.57 9.23
C PRO B 77 -6.47 -11.49 10.02
N GLN B 78 -7.02 -10.29 9.91
CA GLN B 78 -6.41 -9.18 10.66
C GLN B 78 -6.63 -9.39 12.14
N GLN B 79 -5.83 -8.71 12.94
CA GLN B 79 -6.08 -8.72 14.39
C GLN B 79 -7.37 -7.91 14.59
N SER B 80 -8.14 -8.15 15.64
CA SER B 80 -9.37 -7.35 15.86
C SER B 80 -9.04 -5.86 16.07
N ALA B 81 -9.93 -4.94 15.71
CA ALA B 81 -9.58 -3.53 16.02
C ALA B 81 -9.55 -3.31 17.54
N ASP B 82 -8.58 -2.52 18.01
CA ASP B 82 -8.40 -2.21 19.45
C ASP B 82 -9.64 -1.54 20.07
N ARG B 83 -9.99 -1.96 21.29
CA ARG B 83 -11.11 -1.37 22.06
C ARG B 83 -10.93 0.13 22.18
N ARG B 89 -6.34 1.53 8.09
CA ARG B 89 -5.87 0.47 7.16
C ARG B 89 -5.78 -0.90 7.84
N VAL B 90 -6.49 -1.86 7.29
CA VAL B 90 -6.43 -3.22 7.87
C VAL B 90 -5.42 -4.04 7.07
N TYR B 91 -4.80 -4.98 7.76
CA TYR B 91 -3.83 -5.89 7.09
C TYR B 91 -4.33 -7.32 7.16
N THR B 92 -4.50 -7.91 6.00
CA THR B 92 -4.75 -9.33 5.88
C THR B 92 -3.60 -9.98 5.12
N ASN B 93 -3.37 -11.27 5.36
CA ASN B 93 -2.36 -12.02 4.60
C ASN B 93 -2.95 -13.36 4.19
N SER B 94 -2.19 -14.09 3.38
CA SER B 94 -2.69 -15.28 2.71
C SER B 94 -1.71 -16.41 2.99
N ILE B 95 -2.23 -17.54 3.49
CA ILE B 95 -1.45 -18.76 3.74
C ILE B 95 -1.61 -19.68 2.53
N TYR B 96 -0.50 -20.24 2.07
CA TYR B 96 -0.48 -21.10 0.90
C TYR B 96 0.14 -22.45 1.26
N GLU B 97 -0.31 -23.50 0.59
CA GLU B 97 0.45 -24.73 0.67
C GLU B 97 1.14 -24.97 -0.66
N LEU B 98 2.29 -25.64 -0.58
CA LEU B 98 3.15 -25.93 -1.72
C LEU B 98 3.09 -27.43 -2.00
N LEU B 99 2.70 -27.80 -3.21
CA LEU B 99 2.62 -29.21 -3.58
C LEU B 99 3.92 -29.66 -4.24
N GLU B 100 4.26 -30.91 -3.99
CA GLU B 100 5.42 -31.58 -4.59
C GLU B 100 5.00 -33.02 -4.83
N ASN B 101 5.01 -33.45 -6.09
CA ASN B 101 4.50 -34.77 -6.46
C ASN B 101 3.00 -34.84 -6.18
N GLY B 102 2.30 -33.75 -6.48
CA GLY B 102 0.87 -33.63 -6.21
C GLY B 102 0.53 -33.92 -4.76
N GLN B 103 1.44 -33.60 -3.85
CA GLN B 103 1.32 -33.94 -2.45
C GLN B 103 1.74 -32.72 -1.64
N PRO B 104 1.01 -32.39 -0.57
CA PRO B 104 1.39 -31.22 0.24
C PRO B 104 2.80 -31.38 0.81
N ALA B 105 3.62 -30.36 0.63
CA ALA B 105 5.00 -30.42 1.08
C ALA B 105 5.42 -29.24 1.93
N GLY B 106 4.65 -28.16 1.96
CA GLY B 106 4.97 -27.03 2.82
C GLY B 106 3.79 -26.10 2.96
N VAL B 107 3.78 -25.34 4.06
CA VAL B 107 2.74 -24.35 4.34
CA VAL B 107 2.75 -24.35 4.34
C VAL B 107 3.43 -23.09 4.86
N CYS B 108 3.02 -21.93 4.36
CA CYS B 108 3.56 -20.70 4.93
C CYS B 108 2.73 -19.48 4.53
N VAL B 109 2.99 -18.39 5.22
CA VAL B 109 2.43 -17.10 4.86
C VAL B 109 3.29 -16.51 3.76
N LEU B 110 2.65 -16.12 2.66
CA LEU B 110 3.36 -15.93 1.39
C LEU B 110 2.70 -14.85 0.54
N GLU B 111 3.52 -13.99 -0.08
CA GLU B 111 3.01 -12.95 -0.96
C GLU B 111 4.18 -12.38 -1.75
N TYR B 112 3.86 -11.60 -2.77
CA TYR B 112 4.87 -10.87 -3.53
C TYR B 112 5.16 -9.52 -2.88
N ALA B 113 6.36 -8.99 -3.16
CA ALA B 113 6.66 -7.59 -2.85
C ALA B 113 5.92 -6.71 -3.87
N THR B 114 4.74 -6.25 -3.48
CA THR B 114 3.85 -5.52 -4.40
C THR B 114 4.50 -4.38 -5.17
N PRO B 115 5.40 -3.57 -4.59
CA PRO B 115 5.98 -2.46 -5.36
C PRO B 115 6.71 -2.88 -6.64
N LEU B 116 7.12 -4.15 -6.78
CA LEU B 116 7.66 -4.58 -8.08
C LEU B 116 6.63 -4.39 -9.20
N GLN B 117 5.33 -4.37 -8.86
CA GLN B 117 4.31 -4.06 -9.85
C GLN B 117 4.40 -2.62 -10.33
N THR B 118 4.80 -1.70 -9.46
CA THR B 118 5.02 -0.32 -9.90
C THR B 118 6.14 -0.26 -10.94
N LEU B 119 7.23 -0.96 -10.70
CA LEU B 119 8.31 -1.04 -11.68
C LEU B 119 7.80 -1.66 -12.98
N PHE B 120 7.02 -2.74 -12.88
CA PHE B 120 6.50 -3.37 -14.10
C PHE B 120 5.67 -2.38 -14.90
N ALA B 121 4.73 -1.70 -14.25
CA ALA B 121 3.84 -0.76 -14.95
C ALA B 121 4.61 0.37 -15.59
N MET B 122 5.64 0.88 -14.90
CA MET B 122 6.46 1.96 -15.45
C MET B 122 7.12 1.55 -16.77
N SER B 123 7.55 0.29 -16.87
CA SER B 123 8.25 -0.17 -18.07
C SER B 123 7.30 -0.48 -19.21
N GLN B 124 5.98 -0.43 -18.98
CA GLN B 124 5.02 -0.80 -20.01
C GLN B 124 4.65 0.35 -20.93
N ASP B 125 4.83 1.60 -20.49
CA ASP B 125 4.65 2.75 -21.36
C ASP B 125 6.05 3.32 -21.62
N GLY B 129 10.27 7.10 -20.70
CA GLY B 129 11.57 6.56 -21.06
C GLY B 129 12.15 5.62 -20.01
N PHE B 130 11.39 4.59 -19.66
CA PHE B 130 11.79 3.62 -18.64
C PHE B 130 11.87 2.24 -19.27
N SER B 131 13.10 1.79 -19.52
CA SER B 131 13.37 0.54 -20.21
C SER B 131 13.16 -0.68 -19.32
N ARG B 132 13.30 -1.86 -19.92
CA ARG B 132 13.39 -3.11 -19.16
C ARG B 132 14.79 -3.35 -18.65
N GLU B 133 15.79 -2.94 -19.41
CA GLU B 133 17.11 -2.70 -18.85
C GLU B 133 17.04 -1.85 -17.59
N ASP B 134 16.40 -0.69 -17.68
CA ASP B 134 16.29 0.19 -16.51
C ASP B 134 15.51 -0.48 -15.39
N ARG B 135 14.46 -1.23 -15.75
CA ARG B 135 13.61 -1.85 -14.74
C ARG B 135 14.39 -2.83 -13.87
N LEU B 136 15.22 -3.67 -14.50
CA LEU B 136 15.97 -4.65 -13.73
C LEU B 136 16.96 -3.98 -12.78
N GLU B 137 17.57 -2.87 -13.20
CA GLU B 137 18.49 -2.18 -12.29
C GLU B 137 17.73 -1.57 -11.12
N GLN B 138 16.52 -1.04 -11.37
CA GLN B 138 15.73 -0.53 -10.26
C GLN B 138 15.28 -1.66 -9.34
N ALA B 139 14.88 -2.80 -9.92
CA ALA B 139 14.47 -3.94 -9.10
C ALA B 139 15.60 -4.40 -8.20
N LYS B 140 16.82 -4.47 -8.74
CA LYS B 140 17.97 -4.89 -7.96
C LYS B 140 18.30 -3.86 -6.88
N LEU B 141 18.22 -2.57 -7.21
CA LEU B 141 18.49 -1.54 -6.22
C LEU B 141 17.43 -1.54 -5.12
N PHE B 142 16.16 -1.71 -5.50
CA PHE B 142 15.08 -1.90 -4.53
C PHE B 142 15.40 -3.05 -3.56
N CYS B 143 15.81 -4.19 -4.11
CA CYS B 143 16.10 -5.35 -3.25
C CYS B 143 17.29 -5.05 -2.33
N ARG B 144 18.38 -4.54 -2.89
CA ARG B 144 19.55 -4.26 -2.06
C ARG B 144 19.26 -3.19 -1.00
N THR B 145 18.53 -2.13 -1.37
CA THR B 145 18.19 -1.13 -0.38
C THR B 145 17.32 -1.73 0.72
N LEU B 146 16.35 -2.57 0.36
CA LEU B 146 15.50 -3.19 1.36
C LEU B 146 16.30 -4.12 2.26
N GLU B 147 17.18 -4.94 1.67
CA GLU B 147 18.02 -5.79 2.50
C GLU B 147 18.92 -4.98 3.41
N ASP B 148 19.43 -3.84 2.95
CA ASP B 148 20.24 -3.00 3.83
C ASP B 148 19.43 -2.55 5.05
N ILE B 149 18.18 -2.11 4.81
CA ILE B 149 17.31 -1.65 5.87
C ILE B 149 17.03 -2.79 6.86
N LEU B 150 16.66 -3.95 6.34
CA LEU B 150 16.34 -5.10 7.19
C LEU B 150 17.53 -5.51 8.04
N ALA B 151 18.73 -5.60 7.44
CA ALA B 151 19.93 -5.96 8.21
C ALA B 151 20.15 -5.07 9.42
N ASP B 152 19.62 -3.85 9.39
CA ASP B 152 19.66 -2.92 10.50
C ASP B 152 18.44 -3.02 11.43
N ALA B 153 17.48 -3.89 11.12
CA ALA B 153 16.24 -4.00 11.89
C ALA B 153 16.08 -5.44 12.35
N PRO B 154 16.68 -5.80 13.49
CA PRO B 154 16.71 -7.22 13.90
C PRO B 154 15.36 -7.93 13.96
N GLU B 155 14.36 -7.36 14.61
CA GLU B 155 13.13 -8.12 14.78
C GLU B 155 12.38 -8.23 13.46
N ALA B 156 12.35 -7.16 12.67
CA ALA B 156 11.76 -7.25 11.33
C ALA B 156 12.45 -8.33 10.52
N GLN B 157 13.80 -8.34 10.54
CA GLN B 157 14.55 -9.33 9.79
C GLN B 157 14.22 -10.75 10.21
N ASN B 158 14.00 -10.96 11.52
CA ASN B 158 13.68 -12.29 12.03
C ASN B 158 12.25 -12.73 11.71
N ASN B 159 11.37 -11.80 11.34
CA ASN B 159 9.97 -12.17 11.12
C ASN B 159 9.60 -12.22 9.64
N CYS B 160 10.57 -12.10 8.75
CA CYS B 160 10.27 -12.23 7.33
C CYS B 160 11.48 -12.78 6.60
N ARG B 161 11.24 -13.25 5.38
CA ARG B 161 12.26 -13.84 4.54
C ARG B 161 12.01 -13.40 3.11
N LEU B 162 13.02 -12.78 2.48
CA LEU B 162 12.96 -12.42 1.08
C LEU B 162 13.40 -13.61 0.22
N ILE B 163 12.62 -13.93 -0.79
CA ILE B 163 12.93 -14.99 -1.73
C ILE B 163 13.15 -14.32 -3.09
N VAL B 164 14.41 -14.17 -3.49
CA VAL B 164 14.82 -13.40 -4.67
C VAL B 164 15.25 -14.37 -5.77
N TYR B 165 14.74 -14.14 -6.98
CA TYR B 165 15.06 -15.03 -8.10
C TYR B 165 14.91 -14.25 -9.40
N GLN B 166 15.57 -14.75 -10.45
CA GLN B 166 15.61 -14.03 -11.73
C GLN B 166 14.58 -14.50 -12.76
N GLU B 167 13.95 -15.68 -12.57
CA GLU B 167 13.19 -16.33 -13.64
C GLU B 167 11.81 -15.69 -13.84
N PRO B 168 11.25 -15.81 -15.05
CA PRO B 168 9.98 -15.13 -15.36
C PRO B 168 8.74 -15.86 -14.87
N THR B 169 8.86 -17.05 -14.29
CA THR B 169 7.73 -17.82 -13.76
C THR B 169 6.68 -18.14 -14.83
N GLY B 171 5.81 -19.31 -17.49
CA GLY B 171 5.45 -20.65 -17.06
C GLY B 171 6.42 -21.72 -17.54
N GLY B 172 7.73 -21.44 -17.45
CA GLY B 172 8.75 -22.32 -17.96
C GLY B 172 9.13 -23.46 -17.04
N SER B 173 10.36 -23.94 -17.19
CA SER B 173 10.84 -25.09 -16.42
C SER B 173 11.14 -24.75 -14.97
N PHE B 174 11.40 -23.48 -14.65
CA PHE B 174 11.64 -23.06 -13.28
C PHE B 174 10.39 -23.28 -12.43
N SER B 175 10.56 -23.87 -11.24
CA SER B 175 9.42 -24.15 -10.35
C SER B 175 9.46 -23.23 -9.14
N LEU B 176 8.55 -22.26 -9.09
CA LEU B 176 8.53 -21.35 -7.95
C LEU B 176 8.26 -22.08 -6.65
N SER B 177 7.37 -23.07 -6.67
CA SER B 177 7.11 -23.84 -5.46
C SER B 177 8.37 -24.53 -4.94
N GLN B 178 9.12 -25.18 -5.82
CA GLN B 178 10.39 -25.78 -5.40
C GLN B 178 11.33 -24.74 -4.80
N GLU B 179 11.38 -23.54 -5.38
CA GLU B 179 12.23 -22.47 -4.84
C GLU B 179 11.81 -22.09 -3.42
N ILE B 180 10.51 -21.93 -3.18
CA ILE B 180 10.03 -21.59 -1.84
C ILE B 180 10.33 -22.74 -0.86
N LEU B 181 10.10 -23.98 -1.27
CA LEU B 181 10.32 -25.12 -0.37
C LEU B 181 11.77 -25.21 0.07
N ARG B 182 12.72 -25.02 -0.87
CA ARG B 182 14.14 -24.97 -0.50
CA ARG B 182 14.04 -25.01 -0.46
C ARG B 182 14.39 -23.95 0.60
N HIS B 183 13.77 -22.76 0.49
CA HIS B 183 13.92 -21.74 1.52
C HIS B 183 13.29 -22.20 2.84
N LEU B 184 12.09 -22.78 2.79
CA LEU B 184 11.43 -23.26 4.01
C LEU B 184 12.30 -24.30 4.73
N ARG B 185 12.79 -25.28 3.98
CA ARG B 185 13.62 -26.32 4.59
C ARG B 185 14.92 -25.74 5.16
N GLN B 186 15.41 -24.63 4.57
CA GLN B 186 16.61 -23.97 5.07
C GLN B 186 16.34 -23.19 6.34
N GLU B 187 15.13 -22.65 6.50
CA GLU B 187 14.82 -21.92 7.73
C GLU B 187 14.72 -22.85 8.94
N GLU B 188 14.13 -24.03 8.75
CA GLU B 188 14.08 -25.04 9.80
C GLU B 188 15.48 -25.37 10.33
N ARG B 189 16.50 -25.15 9.53
CA ARG B 189 17.90 -25.37 9.93
C ARG B 189 18.33 -24.34 10.96
S SO4 C . -4.99 25.77 -5.49
O1 SO4 C . -6.08 24.90 -5.92
O2 SO4 C . -3.72 25.20 -5.90
O3 SO4 C . -5.18 27.07 -6.12
O4 SO4 C . -5.02 25.95 -4.03
S SO4 D . 7.90 18.07 13.30
O1 SO4 D . 7.48 17.23 12.18
O2 SO4 D . 9.32 17.80 13.58
O3 SO4 D . 7.09 17.74 14.47
O4 SO4 D . 7.73 19.48 12.95
S SO4 E . -24.37 10.52 -11.75
O1 SO4 E . -24.99 9.28 -11.28
O2 SO4 E . -22.92 10.47 -11.60
O3 SO4 E . -24.68 10.70 -13.17
O4 SO4 E . -24.90 11.67 -11.01
S SO4 F . 19.34 10.44 -7.00
O1 SO4 F . 19.16 9.09 -6.47
O2 SO4 F . 20.66 10.56 -7.60
O3 SO4 F . 18.33 10.69 -8.02
O4 SO4 F . 19.19 11.42 -5.92
S SO4 G . 11.93 25.00 -10.74
O1 SO4 G . 10.76 24.58 -10.07
O2 SO4 G . 12.98 24.01 -10.64
O3 SO4 G . 11.62 25.27 -12.11
O4 SO4 G . 12.40 26.22 -10.15
P 2BA H . 2.56 2.75 1.60
O1P 2BA H . 3.76 3.32 2.01
O2P 2BA H . 1.41 2.84 2.35
O5' 2BA H . 2.75 1.27 1.36
C5' 2BA H . 3.83 0.83 0.65
C4' 2BA H . 3.77 -0.65 0.28
O4' 2BA H . 3.57 -1.41 1.40
C3' 2BA H . 2.58 -1.00 -0.60
O3' 2BA H . 2.71 -0.76 -1.97
C2' 2BA H . 2.39 -2.46 -0.29
O2' 2BA H . 3.33 -3.18 -0.98
C1' 2BA H . 2.68 -2.51 1.18
N9 2BA H . 1.44 -2.35 1.91
C8 2BA H . 1.07 -1.28 2.59
N7 2BA H . -0.12 -1.36 3.15
C5 2BA H . -0.53 -2.56 2.88
C6 2BA H . -1.73 -3.33 3.13
N6 2BA H . -2.65 -2.74 3.87
N1 2BA H . -1.80 -4.56 2.64
C2 2BA H . -0.84 -5.06 1.89
N3 2BA H . 0.26 -4.45 1.58
C4 2BA H . 0.49 -3.21 2.03
P1 2BA H . 1.48 -0.53 -2.87
O1P1 2BA H . 1.99 -0.41 -4.20
O2P1 2BA H . 0.53 -1.46 -2.67
O5'1 2BA H . 0.94 0.85 -2.54
C5'1 2BA H . 1.68 2.01 -2.72
C4'1 2BA H . 1.05 3.20 -1.99
O4'1 2BA H . -0.27 3.42 -2.38
C3'1 2BA H . 1.05 3.04 -0.46
O3'1 2BA H . 2.27 3.31 0.20
C2'1 2BA H . 0.00 4.03 -0.12
O2'1 2BA H . 0.57 5.30 -0.09
C1'1 2BA H . -1.00 3.88 -1.25
N91 2BA H . -1.97 2.89 -0.82
C81 2BA H . -1.94 1.64 -1.10
N71 2BA H . -2.93 0.96 -0.53
C51 2BA H . -3.65 1.84 0.15
C61 2BA H . -4.87 1.82 0.96
N61 2BA H . -5.55 0.70 1.19
N11 2BA H . -5.25 2.95 1.48
C21 2BA H . -4.62 4.05 1.25
N31 2BA H . -3.53 4.14 0.54
C41 2BA H . -3.00 3.10 -0.04
S SO4 I . 8.29 -8.00 -20.01
O1 SO4 I . 8.74 -8.20 -21.38
O2 SO4 I . 9.30 -8.55 -19.12
O3 SO4 I . 6.99 -8.65 -19.80
O4 SO4 I . 8.12 -6.57 -19.78
S SO4 J . 1.56 -21.55 18.01
O1 SO4 J . 1.03 -22.80 17.47
O2 SO4 J . 2.43 -21.84 19.14
O3 SO4 J . 0.46 -20.71 18.45
O4 SO4 J . 2.33 -20.86 16.98
S SO4 K . 14.64 -4.17 -24.01
O1 SO4 K . 15.54 -3.68 -25.05
O2 SO4 K . 15.33 -5.20 -23.22
O3 SO4 K . 13.45 -4.73 -24.63
O4 SO4 K . 14.25 -3.07 -23.12
#